data_9KN1
#
_entry.id   9KN1
#
_cell.length_a   58.753
_cell.length_b   92.659
_cell.length_c   97.412
_cell.angle_alpha   90.00
_cell.angle_beta   90.00
_cell.angle_gamma   90.00
#
_symmetry.space_group_name_H-M   'P 21 21 21'
#
loop_
_entity.id
_entity.type
_entity.pdbx_description
1 polymer Nucleoprotein
2 polymer Nucleoprotein
3 polymer Nucleoprotein
4 polymer Nucleoprotein
5 non-polymer "URIDINE-5'-MONOPHOSPHATE"
6 non-polymer 'PHOSPHATE ION'
7 water water
#
loop_
_entity_poly.entity_id
_entity_poly.type
_entity_poly.pdbx_seq_one_letter_code
_entity_poly.pdbx_strand_id
1 'polypeptide(L)'
;TASWFTALTQHGKEDLKFPRGQGVPINTNSSPDDQIGYYRRATRRIRGGDGKMKDLSPRWYFYYLGTGPEAGLPYGANKD
GIIWVATEGALNTPKDHIGTRNPANNAAIVLQLPQGTTLPKGFYA
;
A
2 'polypeptide(L)'
;NNTASWFTALTQHGKEDLKFPRGQGVPINTNSSPDDQIGYYRRATRRIRGGDGKMKDLSPRWYFYYLGTGPEAGLPYGAN
KDGIIWVATEGALNTPKDHIGTRNPANNAAIVLQLPQGTTLPKGFYAE
;
B
3 'polypeptide(L)'
;NNTASWFTALTQHGKEDLKFPRGQGVPINTNSSPDDQIGYYRRATRRIRGGDGKMKDLSPRWYFYYLGTGPEAGLPYGAN
KDGIIWVATEGALNTPKDHIGTRNPANNAAIVLQLPQGTTLPKGFYA
;
C
4 'polypeptide(L)'
;NTASWFTALTQHGKEDLKFPRGQGVPINTNSSPDDQIGYYRRATRRIRGGDGKMKDLSPRWYFYYLGTGPEAGLPYGANK
DGIIWVATEGALNTPKDHIGTRNPANNAAIVLQLPQGTTLPKGFYA
;
D
#
loop_
_chem_comp.id
_chem_comp.type
_chem_comp.name
_chem_comp.formula
PO4 non-polymer 'PHOSPHATE ION' 'O4 P -3'
U RNA linking URIDINE-5'-MONOPHOSPHATE 'C9 H13 N2 O9 P'
#
# COMPACT_ATOMS: atom_id res chain seq x y z
N THR A 1 -8.63 -16.76 0.37
CA THR A 1 -7.90 -17.73 -0.46
C THR A 1 -6.53 -17.19 -0.88
N ALA A 2 -5.56 -18.09 -1.02
CA ALA A 2 -4.18 -17.70 -1.30
C ALA A 2 -3.49 -18.79 -2.09
N SER A 3 -2.27 -18.50 -2.53
CA SER A 3 -1.43 -19.50 -3.17
C SER A 3 -1.13 -20.65 -2.21
N TRP A 4 -0.97 -21.84 -2.79
CA TRP A 4 -0.54 -22.99 -2.00
C TRP A 4 0.92 -22.91 -1.58
N PHE A 5 1.69 -21.98 -2.10
CA PHE A 5 3.13 -21.97 -1.90
C PHE A 5 3.60 -20.58 -1.48
N THR A 6 4.77 -20.56 -0.83
CA THR A 6 5.41 -19.30 -0.50
C THR A 6 6.00 -18.67 -1.76
N ALA A 7 6.35 -17.39 -1.67
CA ALA A 7 6.67 -16.57 -2.82
C ALA A 7 8.10 -16.75 -3.32
N LEU A 8 8.36 -16.19 -4.50
CA LEU A 8 9.71 -15.87 -4.94
C LEU A 8 9.86 -14.36 -4.91
N THR A 9 11.01 -13.88 -4.47
CA THR A 9 11.22 -12.43 -4.39
C THR A 9 12.11 -11.96 -5.52
N GLN A 10 11.72 -10.86 -6.15
CA GLN A 10 12.45 -10.29 -7.29
C GLN A 10 13.36 -9.16 -6.80
N HIS A 11 14.67 -9.35 -6.95
CA HIS A 11 15.63 -8.30 -6.62
C HIS A 11 16.09 -7.50 -7.83
N GLY A 12 16.09 -8.11 -9.00
CA GLY A 12 16.43 -7.41 -10.22
C GLY A 12 15.24 -6.63 -10.76
N LYS A 13 15.38 -6.24 -12.03
CA LYS A 13 14.45 -5.34 -12.67
C LYS A 13 13.69 -6.02 -13.80
N GLU A 14 13.88 -7.31 -14.00
CA GLU A 14 13.17 -8.04 -15.03
C GLU A 14 12.06 -8.89 -14.40
N ASP A 15 11.05 -9.19 -15.20
CA ASP A 15 9.98 -10.07 -14.76
C ASP A 15 10.48 -11.51 -14.67
N LEU A 16 9.78 -12.29 -13.85
CA LEU A 16 10.06 -13.71 -13.72
C LEU A 16 9.81 -14.43 -15.03
N LYS A 17 10.66 -15.42 -15.31
CA LYS A 17 10.43 -16.28 -16.46
C LYS A 17 11.29 -17.53 -16.29
N PHE A 18 10.76 -18.65 -16.76
CA PHE A 18 11.42 -19.93 -16.58
C PHE A 18 11.68 -20.58 -17.93
N PRO A 19 12.74 -21.38 -18.03
CA PRO A 19 12.91 -22.19 -19.25
C PRO A 19 11.70 -23.08 -19.46
N ARG A 20 11.34 -23.27 -20.71
CA ARG A 20 10.24 -24.16 -21.06
C ARG A 20 10.43 -25.52 -20.41
N GLY A 21 9.47 -25.92 -19.58
CA GLY A 21 9.49 -27.21 -18.94
C GLY A 21 9.84 -27.19 -17.47
N GLN A 22 10.09 -26.03 -16.88
CA GLN A 22 10.41 -25.95 -15.46
C GLN A 22 9.71 -24.75 -14.84
N GLY A 23 9.57 -24.77 -13.51
CA GLY A 23 8.99 -23.63 -12.82
C GLY A 23 7.88 -23.97 -11.84
N VAL A 24 7.31 -25.15 -11.98
CA VAL A 24 6.19 -25.55 -11.12
C VAL A 24 6.71 -26.04 -9.78
N PRO A 25 6.25 -25.49 -8.67
CA PRO A 25 6.68 -25.98 -7.36
C PRO A 25 6.34 -27.44 -7.15
N ILE A 26 7.15 -28.12 -6.32
CA ILE A 26 6.87 -29.49 -5.95
C ILE A 26 5.72 -29.55 -4.95
N ASN A 27 4.83 -30.52 -5.14
CA ASN A 27 3.69 -30.74 -4.26
C ASN A 27 3.38 -32.24 -4.30
N THR A 28 3.62 -32.92 -3.19
CA THR A 28 3.48 -34.38 -3.20
C THR A 28 2.02 -34.82 -3.33
N ASN A 29 1.06 -33.93 -3.15
CA ASN A 29 -0.35 -34.28 -3.30
C ASN A 29 -0.88 -34.11 -4.72
N SER A 30 -0.05 -33.65 -5.63
CA SER A 30 -0.45 -33.41 -7.00
C SER A 30 0.13 -34.49 -7.90
N SER A 31 -0.54 -34.73 -9.01
CA SER A 31 -0.13 -35.76 -9.96
C SER A 31 0.61 -35.12 -11.12
N PRO A 32 1.28 -35.92 -11.97
CA PRO A 32 1.96 -35.33 -13.13
C PRO A 32 1.04 -34.53 -14.05
N ASP A 33 -0.25 -34.88 -14.11
CA ASP A 33 -1.18 -34.12 -14.94
C ASP A 33 -1.43 -32.71 -14.40
N ASP A 34 -1.15 -32.46 -13.11
CA ASP A 34 -1.47 -31.19 -12.45
C ASP A 34 -0.36 -30.15 -12.56
N GLN A 35 0.78 -30.50 -13.14
CA GLN A 35 1.99 -29.68 -13.01
C GLN A 35 2.01 -28.55 -14.04
N ILE A 36 1.11 -27.59 -13.85
CA ILE A 36 1.00 -26.49 -14.80
C ILE A 36 0.29 -25.32 -14.12
N GLY A 37 0.80 -24.12 -14.34
CA GLY A 37 0.14 -22.96 -13.76
C GLY A 37 0.81 -21.65 -14.15
N TYR A 38 0.57 -20.63 -13.32
CA TYR A 38 1.13 -19.32 -13.55
C TYR A 38 1.62 -18.75 -12.23
N TYR A 39 2.55 -17.78 -12.33
CA TYR A 39 3.00 -16.97 -11.21
C TYR A 39 2.43 -15.57 -11.40
N ARG A 40 1.83 -15.03 -10.35
CA ARG A 40 1.27 -13.68 -10.37
C ARG A 40 2.14 -12.76 -9.51
N ARG A 41 2.48 -11.59 -10.05
CA ARG A 41 3.29 -10.63 -9.32
C ARG A 41 2.47 -9.87 -8.29
N ALA A 42 3.04 -9.70 -7.10
CA ALA A 42 2.41 -8.96 -6.02
C ALA A 42 3.34 -7.82 -5.62
N THR A 43 2.82 -6.61 -5.66
CA THR A 43 3.57 -5.40 -5.34
C THR A 43 3.23 -4.96 -3.93
N ARG A 44 4.14 -4.17 -3.36
CA ARG A 44 3.97 -3.61 -2.02
C ARG A 44 4.73 -2.29 -2.00
N ARG A 45 4.22 -1.33 -1.25
CA ARG A 45 4.96 -0.09 -1.06
C ARG A 45 4.64 0.46 0.32
N ILE A 46 5.59 1.22 0.87
CA ILE A 46 5.44 1.78 2.21
C ILE A 46 5.75 3.26 2.17
N ARG A 47 5.22 3.97 3.18
CA ARG A 47 5.70 5.29 3.50
C ARG A 47 7.20 5.18 3.83
N GLY A 48 8.04 5.80 3.00
CA GLY A 48 9.47 5.54 2.97
C GLY A 48 10.32 6.23 4.02
N GLY A 49 9.73 7.12 4.83
CA GLY A 49 10.51 7.82 5.83
C GLY A 49 10.67 9.30 5.54
N ASP A 50 10.94 9.63 4.28
CA ASP A 50 10.91 11.01 3.82
C ASP A 50 9.50 11.47 3.42
N GLY A 51 8.47 10.75 3.84
CA GLY A 51 7.10 11.06 3.46
C GLY A 51 6.68 10.55 2.11
N LYS A 52 7.58 9.93 1.38
CA LYS A 52 7.34 9.46 0.02
C LYS A 52 7.27 7.94 0.01
N MET A 53 6.45 7.42 -0.90
CA MET A 53 6.27 5.98 -1.00
C MET A 53 7.56 5.31 -1.47
N LYS A 54 7.86 4.16 -0.85
CA LYS A 54 9.02 3.36 -1.21
C LYS A 54 8.52 2.05 -1.78
N ASP A 55 8.93 1.73 -3.02
CA ASP A 55 8.60 0.46 -3.65
C ASP A 55 9.49 -0.65 -3.09
N LEU A 56 8.87 -1.74 -2.64
CA LEU A 56 9.60 -2.89 -2.14
C LEU A 56 9.77 -3.91 -3.26
N SER A 57 10.62 -4.90 -3.00
CA SER A 57 10.89 -5.92 -4.00
C SER A 57 9.60 -6.68 -4.32
N PRO A 58 9.24 -6.81 -5.58
CA PRO A 58 8.05 -7.60 -5.93
C PRO A 58 8.22 -9.05 -5.51
N ARG A 59 7.12 -9.66 -5.11
CA ARG A 59 7.06 -11.10 -4.89
C ARG A 59 6.15 -11.73 -5.95
N TRP A 60 6.38 -13.01 -6.23
CA TRP A 60 5.67 -13.75 -7.26
C TRP A 60 5.11 -15.03 -6.65
N TYR A 61 3.81 -15.27 -6.81
CA TYR A 61 3.16 -16.44 -6.25
C TYR A 61 2.62 -17.35 -7.36
N PHE A 62 2.76 -18.66 -7.15
CA PHE A 62 2.30 -19.64 -8.13
C PHE A 62 0.88 -20.10 -7.81
N TYR A 63 0.06 -20.23 -8.87
CA TYR A 63 -1.26 -20.84 -8.83
C TYR A 63 -1.43 -21.84 -9.97
N TYR A 64 -2.06 -22.98 -9.67
CA TYR A 64 -2.29 -24.00 -10.68
C TYR A 64 -3.21 -23.45 -11.77
N LEU A 65 -3.02 -23.97 -12.98
CA LEU A 65 -3.83 -23.52 -14.11
C LEU A 65 -5.30 -23.59 -13.75
N GLY A 66 -6.04 -22.51 -14.02
CA GLY A 66 -7.45 -22.52 -13.73
C GLY A 66 -7.84 -22.24 -12.29
N THR A 67 -6.91 -21.76 -11.45
CA THR A 67 -7.25 -21.40 -10.08
C THR A 67 -6.68 -20.02 -9.80
N GLY A 68 -7.08 -19.46 -8.65
CA GLY A 68 -6.51 -18.23 -8.17
C GLY A 68 -7.09 -16.99 -8.81
N PRO A 69 -6.41 -15.86 -8.58
CA PRO A 69 -6.93 -14.56 -9.07
C PRO A 69 -7.02 -14.44 -10.59
N GLU A 70 -6.28 -15.22 -11.35
CA GLU A 70 -6.48 -15.30 -12.80
C GLU A 70 -6.93 -16.70 -13.19
N ALA A 71 -7.88 -17.26 -12.41
CA ALA A 71 -8.40 -18.60 -12.70
C ALA A 71 -8.95 -18.70 -14.12
N GLY A 72 -9.52 -17.62 -14.65
CA GLY A 72 -10.12 -17.68 -15.99
C GLY A 72 -9.18 -17.53 -17.18
N LEU A 73 -7.94 -17.09 -16.95
CA LEU A 73 -6.98 -16.94 -18.04
C LEU A 73 -6.50 -18.31 -18.53
N PRO A 74 -6.47 -18.55 -19.84
CA PRO A 74 -5.98 -19.84 -20.33
C PRO A 74 -4.48 -19.82 -20.39
N TYR A 75 -3.88 -21.00 -20.49
CA TYR A 75 -2.43 -21.07 -20.46
C TYR A 75 -1.85 -20.20 -21.57
N GLY A 76 -0.77 -19.50 -21.25
CA GLY A 76 -0.06 -18.66 -22.20
C GLY A 76 -0.70 -17.31 -22.45
N ALA A 77 -1.83 -16.99 -21.83
CA ALA A 77 -2.44 -15.70 -22.06
C ALA A 77 -1.48 -14.62 -21.61
N ASN A 78 -1.43 -13.55 -22.40
CA ASN A 78 -0.50 -12.47 -22.18
C ASN A 78 -1.15 -11.43 -21.26
N LYS A 79 -0.64 -11.34 -20.01
CA LYS A 79 -1.11 -10.33 -19.07
C LYS A 79 0.05 -9.86 -18.20
N ASP A 80 0.18 -8.54 -18.05
CA ASP A 80 1.28 -7.99 -17.28
C ASP A 80 1.20 -8.45 -15.83
N GLY A 81 2.27 -9.09 -15.35
CA GLY A 81 2.28 -9.63 -14.01
C GLY A 81 2.01 -11.11 -13.95
N ILE A 82 1.83 -11.75 -15.10
CA ILE A 82 1.47 -13.16 -15.20
C ILE A 82 2.49 -13.84 -16.10
N ILE A 83 3.09 -14.92 -15.61
CA ILE A 83 4.01 -15.68 -16.42
C ILE A 83 3.64 -17.13 -16.22
N TRP A 84 3.92 -17.96 -17.23
CA TRP A 84 3.35 -19.31 -17.30
C TRP A 84 4.46 -20.35 -17.21
N VAL A 85 4.17 -21.47 -16.54
CA VAL A 85 5.13 -22.55 -16.33
C VAL A 85 4.41 -23.88 -16.44
N ALA A 86 5.08 -24.87 -17.01
CA ALA A 86 4.49 -26.20 -17.11
C ALA A 86 5.59 -27.24 -17.21
N THR A 87 5.39 -28.36 -16.52
CA THR A 87 6.20 -29.56 -16.75
C THR A 87 5.71 -30.26 -18.00
N GLU A 88 6.65 -30.81 -18.77
CA GLU A 88 6.30 -31.58 -19.95
C GLU A 88 5.36 -32.71 -19.56
N GLY A 89 4.30 -32.90 -20.35
CA GLY A 89 3.30 -33.90 -20.08
C GLY A 89 2.20 -33.47 -19.14
N ALA A 90 2.22 -32.23 -18.65
CA ALA A 90 1.09 -31.75 -17.89
C ALA A 90 -0.10 -31.49 -18.83
N LEU A 91 -1.30 -31.87 -18.35
CA LEU A 91 -2.53 -31.63 -19.08
C LEU A 91 -2.94 -30.17 -19.00
N ASN A 92 -3.50 -29.66 -20.10
CA ASN A 92 -3.99 -28.28 -20.21
C ASN A 92 -5.48 -28.27 -19.89
N THR A 93 -5.78 -28.39 -18.60
CA THR A 93 -7.13 -28.43 -18.06
C THR A 93 -7.12 -27.72 -16.70
N PRO A 94 -8.24 -27.11 -16.30
CA PRO A 94 -8.29 -26.44 -14.97
C PRO A 94 -8.11 -27.42 -13.82
N LYS A 95 -7.35 -27.00 -12.81
CA LYS A 95 -7.08 -27.84 -11.63
C LYS A 95 -7.99 -27.48 -10.45
N ASP A 96 -9.30 -27.55 -10.65
CA ASP A 96 -10.19 -27.09 -9.58
C ASP A 96 -10.27 -28.08 -8.42
N HIS A 97 -9.82 -29.32 -8.61
CA HIS A 97 -9.74 -30.26 -7.52
C HIS A 97 -8.59 -29.95 -6.55
N ILE A 98 -7.65 -29.08 -6.93
CA ILE A 98 -6.62 -28.59 -6.02
C ILE A 98 -7.00 -27.23 -5.46
N GLY A 99 -7.57 -26.37 -6.29
CA GLY A 99 -7.99 -25.09 -5.77
C GLY A 99 -6.85 -24.26 -5.21
N THR A 100 -7.26 -23.28 -4.42
CA THR A 100 -6.40 -22.36 -3.71
C THR A 100 -6.39 -22.71 -2.23
N ARG A 101 -5.57 -22.00 -1.46
CA ARG A 101 -5.34 -22.32 -0.05
C ARG A 101 -6.17 -21.39 0.82
N ASN A 102 -6.81 -21.93 1.86
CA ASN A 102 -7.34 -21.04 2.87
C ASN A 102 -6.34 -20.87 4.01
N PRO A 103 -5.78 -19.69 4.25
CA PRO A 103 -4.81 -19.53 5.35
C PRO A 103 -5.38 -19.93 6.71
N ALA A 104 -6.67 -19.75 6.94
CA ALA A 104 -7.24 -20.20 8.20
C ALA A 104 -7.32 -21.69 8.33
N ASN A 105 -6.76 -22.48 7.41
CA ASN A 105 -6.78 -23.94 7.55
C ASN A 105 -5.42 -24.54 7.23
N ASN A 106 -4.62 -23.86 6.41
CA ASN A 106 -3.35 -24.43 5.95
C ASN A 106 -2.36 -23.33 5.75
N ALA A 107 -1.17 -23.51 6.30
CA ALA A 107 -0.08 -22.61 5.95
C ALA A 107 0.45 -22.97 4.57
N ALA A 108 1.19 -22.03 3.98
CA ALA A 108 1.78 -22.26 2.69
C ALA A 108 2.74 -23.44 2.73
N ILE A 109 2.79 -24.19 1.64
CA ILE A 109 3.85 -25.14 1.41
C ILE A 109 5.10 -24.36 1.09
N VAL A 110 6.23 -24.70 1.74
CA VAL A 110 7.50 -24.06 1.37
C VAL A 110 7.80 -24.34 -0.10
N LEU A 111 8.06 -23.27 -0.86
CA LEU A 111 8.25 -23.44 -2.29
C LEU A 111 9.62 -24.05 -2.56
N GLN A 112 9.63 -25.17 -3.29
CA GLN A 112 10.86 -25.72 -3.83
C GLN A 112 10.63 -26.32 -5.21
N LEU A 113 11.65 -26.18 -6.06
CA LEU A 113 11.64 -26.53 -7.47
C LEU A 113 12.27 -27.90 -7.70
N PRO A 114 11.83 -28.59 -8.75
CA PRO A 114 12.43 -29.89 -9.09
C PRO A 114 13.90 -29.72 -9.44
N GLN A 115 14.68 -30.78 -9.23
CA GLN A 115 16.13 -30.71 -9.36
C GLN A 115 16.56 -30.25 -10.74
N GLY A 116 17.65 -29.48 -10.79
CA GLY A 116 18.18 -29.00 -12.04
C GLY A 116 17.46 -27.79 -12.56
N THR A 117 16.70 -27.09 -11.72
CA THR A 117 15.96 -25.91 -12.14
C THR A 117 16.80 -24.64 -12.00
N THR A 118 16.75 -23.80 -13.01
CA THR A 118 17.49 -22.54 -13.01
C THR A 118 16.53 -21.38 -12.75
N LEU A 119 16.62 -20.78 -11.57
CA LEU A 119 15.94 -19.53 -11.32
C LEU A 119 16.66 -18.40 -12.06
N PRO A 120 15.94 -17.50 -12.71
CA PRO A 120 16.60 -16.32 -13.28
C PRO A 120 17.30 -15.50 -12.21
N LYS A 121 18.25 -14.68 -12.66
CA LYS A 121 19.07 -13.89 -11.74
C LYS A 121 18.21 -12.95 -10.93
N GLY A 122 18.59 -12.76 -9.67
CA GLY A 122 17.89 -11.81 -8.83
C GLY A 122 16.58 -12.30 -8.27
N PHE A 123 16.26 -13.59 -8.43
CA PHE A 123 15.06 -14.19 -7.86
C PHE A 123 15.51 -15.20 -6.81
N TYR A 124 15.01 -15.05 -5.60
CA TYR A 124 15.26 -16.04 -4.56
C TYR A 124 13.98 -16.34 -3.78
N ALA A 125 13.91 -17.53 -3.21
CA ALA A 125 12.86 -17.89 -2.27
C ALA A 125 13.27 -17.54 -0.85
N ASN B 1 -30.72 11.80 6.92
CA ASN B 1 -30.06 10.52 6.70
C ASN B 1 -29.50 10.40 5.26
N ASN B 2 -28.66 11.35 4.88
CA ASN B 2 -27.77 11.19 3.72
C ASN B 2 -26.36 11.55 4.19
N THR B 3 -25.45 10.58 4.19
CA THR B 3 -24.20 10.78 4.91
C THR B 3 -22.94 10.50 4.10
N ALA B 4 -21.80 10.48 4.79
CA ALA B 4 -20.50 10.45 4.17
C ALA B 4 -19.54 9.64 5.02
N SER B 5 -18.48 9.17 4.39
CA SER B 5 -17.39 8.56 5.13
C SER B 5 -16.81 9.57 6.11
N TRP B 6 -16.33 9.07 7.26
CA TRP B 6 -15.64 9.96 8.19
C TRP B 6 -14.31 10.45 7.63
N PHE B 7 -13.77 9.80 6.61
CA PHE B 7 -12.43 10.09 6.13
C PHE B 7 -12.42 10.51 4.66
N THR B 8 -11.43 11.31 4.30
CA THR B 8 -11.15 11.56 2.90
C THR B 8 -10.88 10.24 2.18
N ALA B 9 -10.93 10.28 0.86
CA ALA B 9 -10.83 9.05 0.07
C ALA B 9 -9.37 8.67 -0.20
N LEU B 10 -9.21 7.45 -0.71
CA LEU B 10 -7.93 6.90 -1.12
C LEU B 10 -8.03 6.66 -2.62
N THR B 11 -7.39 7.52 -3.42
CA THR B 11 -7.60 7.50 -4.86
C THR B 11 -6.77 6.42 -5.52
N GLN B 12 -7.42 5.61 -6.35
CA GLN B 12 -6.74 4.53 -7.04
C GLN B 12 -6.16 5.12 -8.32
N HIS B 13 -4.91 5.53 -8.25
CA HIS B 13 -4.26 6.06 -9.43
C HIS B 13 -3.82 4.96 -10.39
N GLY B 14 -3.48 3.78 -9.87
CA GLY B 14 -2.96 2.69 -10.67
C GLY B 14 -4.04 1.74 -11.16
N LYS B 15 -3.59 0.57 -11.65
CA LYS B 15 -4.47 -0.45 -12.19
C LYS B 15 -4.91 -1.48 -11.15
N GLU B 16 -4.15 -1.66 -10.07
CA GLU B 16 -4.46 -2.67 -9.08
C GLU B 16 -5.53 -2.18 -8.10
N ASP B 17 -6.50 -3.04 -7.80
CA ASP B 17 -7.53 -2.72 -6.82
C ASP B 17 -6.91 -2.60 -5.42
N LEU B 18 -7.63 -1.93 -4.52
CA LEU B 18 -7.13 -1.77 -3.16
C LEU B 18 -7.19 -3.11 -2.42
N LYS B 19 -6.16 -3.36 -1.60
CA LYS B 19 -6.12 -4.53 -0.73
C LYS B 19 -5.09 -4.26 0.36
N PHE B 20 -5.34 -4.83 1.55
CA PHE B 20 -4.39 -4.74 2.65
C PHE B 20 -4.14 -6.12 3.25
N PRO B 21 -2.95 -6.36 3.77
CA PRO B 21 -2.70 -7.61 4.49
C PRO B 21 -3.48 -7.66 5.78
N ARG B 22 -3.62 -8.87 6.32
CA ARG B 22 -4.38 -9.07 7.54
C ARG B 22 -3.87 -8.13 8.63
N GLY B 23 -4.81 -7.47 9.32
CA GLY B 23 -4.47 -6.61 10.42
C GLY B 23 -4.21 -5.16 10.06
N GLN B 24 -3.99 -4.84 8.79
CA GLN B 24 -3.66 -3.50 8.33
C GLN B 24 -4.83 -2.84 7.59
N GLY B 25 -4.75 -1.51 7.50
CA GLY B 25 -5.57 -0.72 6.61
C GLY B 25 -6.57 0.19 7.30
N VAL B 26 -6.91 -0.07 8.55
CA VAL B 26 -7.92 0.77 9.20
C VAL B 26 -7.30 2.14 9.42
N PRO B 27 -7.91 3.22 8.94
CA PRO B 27 -7.30 4.53 9.11
C PRO B 27 -7.39 5.01 10.55
N ILE B 28 -6.52 5.97 10.88
CA ILE B 28 -6.33 6.42 12.26
C ILE B 28 -7.42 7.41 12.67
N ASN B 29 -8.08 7.13 13.80
CA ASN B 29 -9.16 7.97 14.33
C ASN B 29 -9.12 7.89 15.86
N THR B 30 -8.77 9.01 16.50
CA THR B 30 -8.63 9.06 17.95
C THR B 30 -9.97 8.97 18.67
N ASN B 31 -11.08 9.29 18.00
CA ASN B 31 -12.39 9.23 18.61
C ASN B 31 -13.02 7.83 18.56
N SER B 32 -12.21 6.77 18.41
CA SER B 32 -12.72 5.40 18.36
C SER B 32 -11.89 4.50 19.25
N SER B 33 -12.58 3.53 19.91
CA SER B 33 -12.06 2.56 20.86
C SER B 33 -11.49 1.35 20.13
N PRO B 34 -10.64 0.55 20.78
CA PRO B 34 -9.97 -0.57 20.07
C PRO B 34 -10.92 -1.63 19.52
N ASP B 35 -12.10 -1.81 20.11
CA ASP B 35 -13.10 -2.73 19.59
C ASP B 35 -13.76 -2.25 18.29
N ASP B 36 -13.59 -0.99 17.92
CA ASP B 36 -14.25 -0.43 16.74
C ASP B 36 -13.39 -0.51 15.48
N GLN B 37 -12.11 -0.88 15.60
CA GLN B 37 -11.15 -0.77 14.52
C GLN B 37 -11.33 -1.79 13.41
N ILE B 38 -12.42 -1.68 12.64
CA ILE B 38 -12.77 -2.69 11.65
C ILE B 38 -13.81 -2.10 10.69
N GLY B 39 -13.59 -2.34 9.39
CA GLY B 39 -14.50 -1.80 8.39
C GLY B 39 -14.18 -2.24 6.97
N TYR B 40 -14.68 -1.44 6.02
CA TYR B 40 -14.47 -1.73 4.61
C TYR B 40 -14.18 -0.44 3.85
N TYR B 41 -13.44 -0.55 2.74
CA TYR B 41 -13.38 0.53 1.77
C TYR B 41 -14.34 0.22 0.62
N ARG B 42 -15.01 1.25 0.12
CA ARG B 42 -15.97 1.13 -0.98
C ARG B 42 -15.47 1.95 -2.17
N ARG B 43 -15.30 1.29 -3.31
CA ARG B 43 -14.90 1.99 -4.51
C ARG B 43 -16.03 2.87 -5.03
N ALA B 44 -15.74 4.14 -5.32
CA ALA B 44 -16.68 5.02 -6.01
C ALA B 44 -15.99 5.58 -7.25
N THR B 45 -16.60 5.39 -8.41
CA THR B 45 -16.08 5.88 -9.68
C THR B 45 -17.03 6.92 -10.25
N ARG B 46 -16.52 8.11 -10.53
CA ARG B 46 -17.33 9.15 -11.13
C ARG B 46 -17.16 9.13 -12.66
N ARG B 47 -18.15 9.71 -13.34
CA ARG B 47 -18.13 9.91 -14.79
C ARG B 47 -18.17 11.40 -15.09
N ILE B 48 -17.38 11.84 -16.06
CA ILE B 48 -17.45 13.21 -16.57
C ILE B 48 -17.51 13.14 -18.09
N ARG B 49 -17.98 14.23 -18.68
CA ARG B 49 -17.86 14.37 -20.13
C ARG B 49 -16.41 14.67 -20.46
N GLY B 50 -15.87 13.96 -21.45
CA GLY B 50 -14.47 14.13 -21.82
C GLY B 50 -14.21 15.38 -22.64
N GLY B 51 -12.93 15.61 -22.90
CA GLY B 51 -12.52 16.69 -23.78
C GLY B 51 -12.92 16.44 -25.22
N ASP B 52 -13.82 15.48 -25.43
CA ASP B 52 -14.40 15.23 -26.75
C ASP B 52 -15.90 15.02 -26.68
N GLY B 53 -16.53 15.22 -25.52
CA GLY B 53 -17.94 14.96 -25.37
C GLY B 53 -18.31 13.53 -25.05
N LYS B 54 -17.35 12.62 -25.01
CA LYS B 54 -17.60 11.24 -24.62
C LYS B 54 -17.46 11.10 -23.11
N MET B 55 -18.46 10.47 -22.47
CA MET B 55 -18.37 10.19 -21.05
C MET B 55 -17.20 9.26 -20.76
N LYS B 56 -16.49 9.52 -19.66
CA LYS B 56 -15.31 8.74 -19.31
C LYS B 56 -15.22 8.62 -17.79
N ASP B 57 -14.49 7.59 -17.36
CA ASP B 57 -14.31 7.35 -15.93
C ASP B 57 -13.21 8.25 -15.36
N LEU B 58 -13.47 8.82 -14.20
CA LEU B 58 -12.38 9.35 -13.43
C LEU B 58 -11.69 8.21 -12.66
N SER B 59 -10.59 8.53 -11.98
CA SER B 59 -9.93 7.53 -11.16
C SER B 59 -10.85 7.11 -10.03
N PRO B 60 -10.93 5.81 -9.72
CA PRO B 60 -11.75 5.37 -8.60
C PRO B 60 -11.25 5.96 -7.29
N ARG B 61 -12.20 6.31 -6.42
CA ARG B 61 -11.93 6.70 -5.06
C ARG B 61 -12.47 5.61 -4.14
N TRP B 62 -11.69 5.28 -3.11
CA TRP B 62 -12.10 4.33 -2.09
C TRP B 62 -12.30 5.08 -0.79
N TYR B 63 -13.44 4.88 -0.15
CA TYR B 63 -13.76 5.55 1.10
C TYR B 63 -13.93 4.52 2.20
N PHE B 64 -13.34 4.79 3.37
CA PHE B 64 -13.50 3.89 4.51
C PHE B 64 -14.83 4.11 5.22
N TYR B 65 -15.50 3.02 5.56
CA TYR B 65 -16.66 3.03 6.44
C TYR B 65 -16.48 1.95 7.51
N TYR B 66 -16.77 2.28 8.76
CA TYR B 66 -16.66 1.28 9.81
C TYR B 66 -17.68 0.17 9.57
N LEU B 67 -17.36 -1.03 10.06
CA LEU B 67 -18.24 -2.17 9.89
C LEU B 67 -19.65 -1.86 10.38
N GLY B 68 -20.65 -2.30 9.62
CA GLY B 68 -22.01 -2.04 10.04
C GLY B 68 -22.50 -0.63 9.82
N THR B 69 -21.75 0.20 9.09
CA THR B 69 -22.13 1.56 8.78
C THR B 69 -22.11 1.75 7.27
N GLY B 70 -22.62 2.90 6.82
CA GLY B 70 -22.43 3.37 5.48
C GLY B 70 -23.29 2.65 4.45
N PRO B 71 -22.95 2.80 3.17
CA PRO B 71 -23.79 2.21 2.11
C PRO B 71 -23.96 0.72 2.24
N GLU B 72 -22.97 0.03 2.81
CA GLU B 72 -23.00 -1.41 2.97
C GLU B 72 -23.10 -1.81 4.45
N ALA B 73 -23.95 -1.11 5.19
CA ALA B 73 -24.09 -1.42 6.61
C ALA B 73 -24.72 -2.79 6.85
N GLY B 74 -25.37 -3.37 5.85
CA GLY B 74 -25.92 -4.71 6.03
C GLY B 74 -24.89 -5.83 5.97
N LEU B 75 -23.79 -5.60 5.28
CA LEU B 75 -22.88 -6.69 5.02
C LEU B 75 -22.12 -7.07 6.29
N PRO B 76 -21.96 -8.36 6.56
CA PRO B 76 -21.01 -8.79 7.58
C PRO B 76 -19.58 -8.65 7.09
N TYR B 77 -18.63 -8.71 8.03
CA TYR B 77 -17.22 -8.66 7.68
C TYR B 77 -16.90 -9.73 6.65
N GLY B 78 -16.08 -9.38 5.67
CA GLY B 78 -15.69 -10.32 4.62
C GLY B 78 -16.72 -10.60 3.53
N ALA B 79 -17.87 -9.92 3.54
CA ALA B 79 -18.88 -10.21 2.52
C ALA B 79 -18.28 -10.05 1.12
N ASN B 80 -18.75 -10.88 0.19
CA ASN B 80 -18.28 -10.88 -1.19
C ASN B 80 -19.15 -9.95 -2.01
N LYS B 81 -18.61 -8.77 -2.33
CA LYS B 81 -19.32 -7.77 -3.10
C LYS B 81 -18.31 -6.94 -3.87
N ASP B 82 -18.52 -6.81 -5.17
CA ASP B 82 -17.56 -6.14 -6.03
C ASP B 82 -17.41 -4.68 -5.62
N GLY B 83 -16.15 -4.23 -5.49
CA GLY B 83 -15.87 -2.87 -5.09
C GLY B 83 -15.85 -2.64 -3.60
N ILE B 84 -15.84 -3.71 -2.80
CA ILE B 84 -15.78 -3.64 -1.36
C ILE B 84 -14.60 -4.49 -0.91
N ILE B 85 -13.71 -3.91 -0.10
CA ILE B 85 -12.63 -4.68 0.50
C ILE B 85 -12.60 -4.40 2.00
N TRP B 86 -12.06 -5.36 2.76
CA TRP B 86 -12.25 -5.42 4.20
C TRP B 86 -10.93 -5.26 4.92
N VAL B 87 -10.92 -4.46 5.98
CA VAL B 87 -9.74 -4.28 6.82
C VAL B 87 -10.16 -4.39 8.27
N ALA B 88 -9.25 -4.91 9.10
CA ALA B 88 -9.52 -5.13 10.51
C ALA B 88 -8.22 -5.07 11.28
N THR B 89 -8.31 -4.54 12.50
CA THR B 89 -7.19 -4.45 13.43
C THR B 89 -7.39 -5.50 14.50
N GLU B 90 -6.29 -6.17 14.88
CA GLU B 90 -6.29 -7.19 15.94
C GLU B 90 -7.12 -6.74 17.14
N GLY B 91 -8.06 -7.60 17.54
CA GLY B 91 -8.88 -7.35 18.71
C GLY B 91 -10.17 -6.61 18.47
N ALA B 92 -10.34 -6.00 17.29
CA ALA B 92 -11.59 -5.33 17.00
C ALA B 92 -12.72 -6.33 17.09
N LEU B 93 -13.90 -5.85 17.41
CA LEU B 93 -15.04 -6.70 17.68
C LEU B 93 -15.89 -6.82 16.43
N ASN B 94 -16.07 -8.04 15.95
CA ASN B 94 -16.88 -8.28 14.77
C ASN B 94 -18.35 -8.08 15.10
N THR B 95 -18.70 -6.84 15.42
CA THR B 95 -20.08 -6.43 15.69
C THR B 95 -20.33 -5.10 14.99
N PRO B 96 -21.57 -4.84 14.58
CA PRO B 96 -21.82 -3.60 13.84
C PRO B 96 -21.45 -2.39 14.68
N LYS B 97 -20.89 -1.38 14.02
CA LYS B 97 -20.45 -0.16 14.70
C LYS B 97 -21.43 0.99 14.49
N ASP B 98 -22.72 0.67 14.52
CA ASP B 98 -23.78 1.66 14.42
C ASP B 98 -23.61 2.84 15.37
N HIS B 99 -22.88 2.65 16.47
CA HIS B 99 -22.68 3.77 17.40
C HIS B 99 -21.78 4.85 16.81
N ILE B 100 -20.88 4.49 15.88
CA ILE B 100 -20.06 5.51 15.21
C ILE B 100 -20.79 6.10 14.01
N GLY B 101 -21.54 5.26 13.29
CA GLY B 101 -22.28 5.66 12.12
C GLY B 101 -21.40 6.36 11.11
N THR B 102 -22.00 7.32 10.41
CA THR B 102 -21.33 8.06 9.37
C THR B 102 -21.40 9.54 9.66
N ARG B 103 -20.70 10.32 8.84
CA ARG B 103 -20.49 11.74 9.09
C ARG B 103 -21.56 12.57 8.42
N ASN B 104 -21.95 13.67 9.08
CA ASN B 104 -22.77 14.70 8.46
C ASN B 104 -21.89 15.88 8.10
N PRO B 105 -21.59 16.11 6.82
CA PRO B 105 -20.63 17.17 6.47
C PRO B 105 -21.09 18.55 6.82
N ALA B 106 -22.37 18.73 7.20
CA ALA B 106 -22.81 20.02 7.69
C ALA B 106 -22.10 20.42 8.98
N ASN B 107 -21.76 19.46 9.85
CA ASN B 107 -21.15 19.81 11.14
C ASN B 107 -19.94 18.96 11.50
N ASN B 108 -19.28 18.34 10.52
CA ASN B 108 -18.00 17.68 10.78
C ASN B 108 -17.16 17.77 9.52
N ALA B 109 -15.96 18.31 9.63
CA ALA B 109 -15.03 18.16 8.54
C ALA B 109 -14.67 16.70 8.40
N ALA B 110 -14.14 16.33 7.24
CA ALA B 110 -13.64 14.98 7.07
C ALA B 110 -12.28 14.88 7.75
N ILE B 111 -12.00 13.72 8.33
CA ILE B 111 -10.68 13.43 8.89
C ILE B 111 -9.76 13.04 7.74
N VAL B 112 -8.67 13.78 7.56
CA VAL B 112 -7.70 13.41 6.52
C VAL B 112 -7.26 11.97 6.77
N LEU B 113 -7.28 11.15 5.71
CA LEU B 113 -7.03 9.72 5.89
C LEU B 113 -5.55 9.48 6.11
N GLN B 114 -5.22 8.91 7.27
CA GLN B 114 -3.85 8.52 7.62
C GLN B 114 -3.82 7.09 8.11
N LEU B 115 -2.84 6.29 7.62
CA LEU B 115 -2.69 4.89 7.97
C LEU B 115 -1.57 4.70 8.99
N PRO B 116 -1.64 3.65 9.82
CA PRO B 116 -0.59 3.46 10.83
C PRO B 116 0.77 3.22 10.20
N GLN B 117 1.80 3.54 10.97
CA GLN B 117 3.18 3.49 10.49
C GLN B 117 3.51 2.09 9.96
N GLY B 118 4.13 2.05 8.77
CA GLY B 118 4.51 0.80 8.15
C GLY B 118 3.45 0.15 7.28
N THR B 119 2.27 0.76 7.13
CA THR B 119 1.21 0.10 6.40
C THR B 119 1.64 -0.11 4.95
N THR B 120 1.46 -1.32 4.45
CA THR B 120 1.77 -1.63 3.07
C THR B 120 0.60 -1.24 2.17
N LEU B 121 0.92 -0.72 0.99
CA LEU B 121 -0.10 -0.35 0.02
C LEU B 121 0.20 -1.02 -1.30
N PRO B 122 -0.84 -1.28 -2.12
CA PRO B 122 -0.58 -1.70 -3.50
C PRO B 122 0.01 -0.54 -4.28
N LYS B 123 0.81 -0.89 -5.30
CA LYS B 123 1.28 0.11 -6.24
C LYS B 123 0.09 0.85 -6.83
N GLY B 124 0.28 2.15 -7.08
CA GLY B 124 -0.78 3.04 -7.52
C GLY B 124 -1.48 3.77 -6.40
N PHE B 125 -1.18 3.47 -5.15
CA PHE B 125 -1.78 4.13 -3.99
C PHE B 125 -0.71 4.87 -3.21
N TYR B 126 -1.13 5.93 -2.53
CA TYR B 126 -0.23 6.82 -1.79
C TYR B 126 -0.76 7.10 -0.40
N ALA B 127 0.14 7.01 0.60
CA ALA B 127 -0.18 7.28 1.99
C ALA B 127 0.41 8.62 2.42
N GLU B 128 -0.39 9.44 3.08
CA GLU B 128 0.08 10.74 3.54
C GLU B 128 0.49 10.73 5.01
N ASN C 1 -11.73 40.13 -1.73
CA ASN C 1 -12.34 39.04 -0.98
C ASN C 1 -11.48 37.79 -0.94
N ASN C 2 -12.09 36.68 -0.51
CA ASN C 2 -11.40 35.41 -0.30
C ASN C 2 -11.89 34.41 -1.33
N THR C 3 -11.01 34.04 -2.27
CA THR C 3 -11.44 33.26 -3.43
C THR C 3 -10.58 32.01 -3.57
N ALA C 4 -10.92 31.20 -4.57
CA ALA C 4 -10.32 29.90 -4.79
C ALA C 4 -10.02 29.72 -6.27
N SER C 5 -9.17 28.74 -6.57
CA SER C 5 -8.93 28.38 -7.96
C SER C 5 -10.23 27.87 -8.60
N TRP C 6 -10.41 28.17 -9.88
CA TRP C 6 -11.58 27.67 -10.58
C TRP C 6 -11.57 26.15 -10.70
N PHE C 7 -10.43 25.50 -10.52
CA PHE C 7 -10.26 24.08 -10.82
C PHE C 7 -9.77 23.33 -9.58
N THR C 8 -9.97 22.02 -9.58
CA THR C 8 -9.42 21.19 -8.53
C THR C 8 -7.90 21.07 -8.67
N ALA C 9 -7.25 20.52 -7.66
CA ALA C 9 -5.81 20.53 -7.57
C ALA C 9 -5.17 19.34 -8.30
N LEU C 10 -3.89 19.50 -8.63
CA LEU C 10 -3.00 18.39 -8.99
C LEU C 10 -2.16 18.04 -7.77
N THR C 11 -2.21 16.79 -7.33
CA THR C 11 -1.49 16.38 -6.13
C THR C 11 -0.11 15.82 -6.48
N GLN C 12 0.92 16.34 -5.82
CA GLN C 12 2.29 15.87 -6.04
C GLN C 12 2.53 14.65 -5.16
N HIS C 13 2.21 13.47 -5.71
CA HIS C 13 2.42 12.23 -4.97
C HIS C 13 3.90 11.84 -4.94
N GLY C 14 4.65 12.22 -5.97
CA GLY C 14 6.06 11.90 -6.12
C GLY C 14 6.98 13.03 -5.73
N LYS C 15 8.17 13.04 -6.35
CA LYS C 15 9.21 13.98 -5.97
C LYS C 15 9.51 15.03 -7.02
N GLU C 16 9.24 14.76 -8.30
CA GLU C 16 9.37 15.78 -9.32
C GLU C 16 8.43 16.95 -9.04
N ASP C 17 8.85 18.15 -9.42
CA ASP C 17 7.97 19.31 -9.34
C ASP C 17 7.22 19.46 -10.66
N LEU C 18 6.23 20.35 -10.66
CA LEU C 18 5.33 20.43 -11.81
C LEU C 18 6.00 21.19 -12.96
N LYS C 19 5.79 20.71 -14.18
CA LYS C 19 6.50 21.24 -15.33
C LYS C 19 5.73 20.85 -16.57
N PHE C 20 5.67 21.76 -17.54
CA PHE C 20 4.98 21.45 -18.77
C PHE C 20 5.74 21.92 -20.02
N PRO C 21 5.73 21.13 -21.08
CA PRO C 21 6.18 21.63 -22.37
C PRO C 21 5.37 22.87 -22.78
N ARG C 22 6.06 23.84 -23.38
CA ARG C 22 5.39 25.00 -23.95
C ARG C 22 4.19 24.54 -24.81
N GLY C 23 3.10 25.29 -24.70
CA GLY C 23 1.87 24.93 -25.39
C GLY C 23 0.99 23.93 -24.66
N GLN C 24 1.37 23.50 -23.47
CA GLN C 24 0.69 22.45 -22.75
C GLN C 24 0.53 22.82 -21.28
N GLY C 25 -0.52 22.26 -20.66
CA GLY C 25 -0.71 22.38 -19.24
C GLY C 25 -1.82 23.32 -18.79
N VAL C 26 -2.55 23.95 -19.70
CA VAL C 26 -3.66 24.80 -19.32
C VAL C 26 -4.91 23.93 -19.23
N PRO C 27 -5.63 23.97 -18.12
CA PRO C 27 -6.82 23.12 -17.99
C PRO C 27 -7.87 23.42 -19.04
N ILE C 28 -8.60 22.36 -19.43
CA ILE C 28 -9.74 22.53 -20.33
C ILE C 28 -10.83 23.32 -19.63
N ASN C 29 -11.27 24.42 -20.28
CA ASN C 29 -12.39 25.23 -19.76
C ASN C 29 -13.09 25.88 -20.95
N THR C 30 -14.22 25.28 -21.38
CA THR C 30 -15.00 25.78 -22.50
C THR C 30 -15.65 27.14 -22.23
N ASN C 31 -15.69 27.60 -20.98
CA ASN C 31 -16.20 28.94 -20.68
C ASN C 31 -15.14 30.02 -20.87
N SER C 32 -14.08 29.74 -21.62
CA SER C 32 -12.99 30.68 -21.85
C SER C 32 -12.59 30.60 -23.31
N SER C 33 -11.89 31.62 -23.77
CA SER C 33 -11.52 31.81 -25.17
C SER C 33 -10.06 31.47 -25.39
N PRO C 34 -9.63 31.28 -26.64
CA PRO C 34 -8.22 30.98 -26.89
C PRO C 34 -7.28 32.03 -26.34
N ASP C 35 -7.71 33.28 -26.23
CA ASP C 35 -6.85 34.32 -25.68
C ASP C 35 -6.59 34.12 -24.18
N ASP C 36 -7.54 33.54 -23.44
CA ASP C 36 -7.43 33.40 -21.99
C ASP C 36 -6.52 32.27 -21.55
N GLN C 37 -6.11 31.40 -22.47
CA GLN C 37 -5.53 30.12 -22.13
C GLN C 37 -4.06 30.29 -21.73
N ILE C 38 -3.87 30.91 -20.56
CA ILE C 38 -2.53 31.23 -20.05
C ILE C 38 -2.67 31.53 -18.56
N GLY C 39 -1.68 31.11 -17.78
CA GLY C 39 -1.70 31.35 -16.35
C GLY C 39 -0.61 30.54 -15.68
N TYR C 40 -0.77 30.32 -14.35
CA TYR C 40 0.21 29.61 -13.52
C TYR C 40 -0.44 28.59 -12.58
N TYR C 41 0.37 27.62 -12.15
CA TYR C 41 0.06 26.73 -11.02
C TYR C 41 0.81 27.17 -9.80
N ARG C 42 0.12 27.18 -8.66
CA ARG C 42 0.72 27.56 -7.39
C ARG C 42 0.68 26.38 -6.43
N ARG C 43 1.79 26.12 -5.77
CA ARG C 43 1.92 24.98 -4.88
C ARG C 43 1.48 25.35 -3.49
N ALA C 44 0.58 24.54 -2.93
CA ALA C 44 0.11 24.71 -1.57
C ALA C 44 0.41 23.43 -0.80
N THR C 45 0.84 23.59 0.44
CA THR C 45 1.35 22.47 1.22
C THR C 45 0.77 22.57 2.61
N ARG C 46 0.00 21.57 3.00
CA ARG C 46 -0.67 21.52 4.29
C ARG C 46 0.16 20.68 5.27
N ARG C 47 -0.17 20.80 6.56
CA ARG C 47 0.55 20.13 7.62
C ARG C 47 -0.42 19.57 8.67
N ILE C 48 -0.28 18.29 8.98
CA ILE C 48 -1.11 17.59 9.97
C ILE C 48 -0.25 17.15 11.16
N ARG C 49 -0.91 16.95 12.29
CA ARG C 49 -0.29 16.22 13.39
C ARG C 49 -0.26 14.74 13.04
N GLY C 50 0.92 14.14 13.09
CA GLY C 50 1.11 12.81 12.54
C GLY C 50 1.41 11.71 13.54
N GLY C 51 0.72 11.70 14.67
CA GLY C 51 0.82 10.58 15.59
C GLY C 51 1.97 10.67 16.56
N ASP C 52 3.15 11.05 16.07
CA ASP C 52 4.28 11.30 16.97
C ASP C 52 4.13 12.61 17.71
N GLY C 53 2.94 13.21 17.69
CA GLY C 53 2.74 14.58 18.12
C GLY C 53 3.37 15.62 17.23
N LYS C 54 4.25 15.20 16.32
CA LYS C 54 4.93 16.10 15.41
C LYS C 54 3.97 16.61 14.35
N MET C 55 4.36 17.69 13.70
CA MET C 55 3.70 18.14 12.49
C MET C 55 4.40 17.52 11.30
N LYS C 56 3.61 17.11 10.31
CA LYS C 56 4.11 16.46 9.11
C LYS C 56 3.47 17.13 7.90
N ASP C 57 4.21 17.16 6.80
CA ASP C 57 3.67 17.67 5.55
C ASP C 57 2.84 16.60 4.86
N LEU C 58 1.62 16.96 4.48
CA LEU C 58 0.90 16.17 3.51
C LEU C 58 1.55 16.31 2.15
N SER C 59 1.09 15.50 1.21
CA SER C 59 1.54 15.67 -0.16
C SER C 59 1.15 17.07 -0.66
N PRO C 60 2.00 17.72 -1.45
CA PRO C 60 1.68 19.08 -1.91
C PRO C 60 0.68 19.07 -3.06
N ARG C 61 -0.12 20.14 -3.12
CA ARG C 61 -1.18 20.28 -4.11
C ARG C 61 -1.00 21.56 -4.93
N TRP C 62 -1.13 21.43 -6.26
CA TRP C 62 -0.92 22.51 -7.21
C TRP C 62 -2.24 23.00 -7.78
N TYR C 63 -2.56 24.27 -7.54
CA TYR C 63 -3.78 24.91 -8.03
C TYR C 63 -3.47 25.86 -9.17
N PHE C 64 -4.33 25.88 -10.19
CA PHE C 64 -4.14 26.71 -11.38
C PHE C 64 -4.97 27.98 -11.33
N TYR C 65 -4.34 29.09 -11.70
CA TYR C 65 -4.94 30.41 -11.71
C TYR C 65 -4.62 31.06 -13.05
N TYR C 66 -5.62 31.63 -13.69
CA TYR C 66 -5.35 32.32 -14.94
C TYR C 66 -4.40 33.48 -14.70
N LEU C 67 -3.67 33.85 -15.75
CA LEU C 67 -2.73 34.96 -15.66
C LEU C 67 -3.43 36.20 -15.14
N GLY C 68 -2.83 36.84 -14.13
CA GLY C 68 -3.37 38.04 -13.55
C GLY C 68 -4.53 37.85 -12.57
N THR C 69 -4.77 36.64 -12.09
CA THR C 69 -5.74 36.36 -11.05
C THR C 69 -5.06 35.55 -9.95
N GLY C 70 -5.80 35.29 -8.87
CA GLY C 70 -5.32 34.44 -7.80
C GLY C 70 -4.33 35.15 -6.92
N PRO C 71 -3.74 34.42 -5.96
CA PRO C 71 -2.82 35.07 -5.00
C PRO C 71 -1.60 35.70 -5.65
N GLU C 72 -1.25 35.30 -6.88
CA GLU C 72 -0.10 35.84 -7.60
C GLU C 72 -0.54 36.69 -8.78
N ALA C 73 -1.60 37.46 -8.59
CA ALA C 73 -2.17 38.26 -9.68
C ALA C 73 -1.25 39.38 -10.13
N GLY C 74 -0.28 39.77 -9.32
CA GLY C 74 0.67 40.79 -9.74
C GLY C 74 1.69 40.30 -10.75
N LEU C 75 1.92 38.98 -10.80
CA LEU C 75 3.06 38.42 -11.51
C LEU C 75 2.83 38.39 -13.02
N PRO C 76 3.79 38.83 -13.82
CA PRO C 76 3.68 38.68 -15.27
C PRO C 76 4.04 37.26 -15.66
N TYR C 77 3.66 36.89 -16.88
CA TYR C 77 3.86 35.53 -17.31
C TYR C 77 5.35 35.23 -17.35
N GLY C 78 5.71 34.01 -16.96
CA GLY C 78 7.10 33.64 -16.81
C GLY C 78 7.77 34.14 -15.53
N ALA C 79 7.02 34.77 -14.63
CA ALA C 79 7.62 35.31 -13.43
C ALA C 79 8.33 34.21 -12.66
N ASN C 80 9.56 34.49 -12.23
CA ASN C 80 10.34 33.49 -11.51
C ASN C 80 10.04 33.59 -10.02
N LYS C 81 9.24 32.64 -9.52
CA LYS C 81 8.99 32.55 -8.09
C LYS C 81 8.97 31.09 -7.68
N ASP C 82 9.38 30.83 -6.44
CA ASP C 82 9.26 29.50 -5.86
C ASP C 82 7.80 29.09 -5.82
N GLY C 83 7.54 27.82 -6.09
CA GLY C 83 6.17 27.35 -5.99
C GLY C 83 5.26 27.82 -7.09
N ILE C 84 5.80 28.44 -8.14
CA ILE C 84 5.02 28.92 -9.28
C ILE C 84 5.65 28.38 -10.56
N ILE C 85 4.83 27.82 -11.43
CA ILE C 85 5.24 27.46 -12.79
C ILE C 85 4.23 28.09 -13.73
N TRP C 86 4.48 27.98 -15.05
CA TRP C 86 3.69 28.75 -16.01
C TRP C 86 3.31 27.88 -17.20
N VAL C 87 2.13 28.14 -17.77
CA VAL C 87 1.70 27.43 -18.97
C VAL C 87 0.94 28.39 -19.88
N ALA C 88 0.94 28.08 -21.18
CA ALA C 88 0.18 28.88 -22.12
C ALA C 88 -0.11 28.06 -23.37
N THR C 89 -1.33 28.18 -23.86
CA THR C 89 -1.70 27.56 -25.12
C THR C 89 -1.29 28.48 -26.28
N GLU C 90 -0.91 27.86 -27.40
CA GLU C 90 -0.62 28.64 -28.60
C GLU C 90 -1.89 29.36 -29.04
N GLY C 91 -1.79 30.69 -29.17
CA GLY C 91 -2.92 31.56 -29.45
C GLY C 91 -3.26 32.50 -28.32
N ALA C 92 -2.63 32.33 -27.16
CA ALA C 92 -2.96 33.12 -25.98
C ALA C 92 -2.57 34.58 -26.14
N LEU C 93 -3.35 35.45 -25.52
CA LEU C 93 -2.99 36.84 -25.30
C LEU C 93 -2.33 36.93 -23.94
N ASN C 94 -1.32 37.78 -23.83
CA ASN C 94 -0.50 37.88 -22.64
C ASN C 94 -0.93 39.02 -21.70
N THR C 95 -2.21 39.29 -21.63
CA THR C 95 -2.79 40.31 -20.78
C THR C 95 -3.44 39.67 -19.56
N PRO C 96 -3.62 40.42 -18.47
CA PRO C 96 -4.29 39.85 -17.30
C PRO C 96 -5.70 39.37 -17.64
N LYS C 97 -6.10 38.28 -17.01
CA LYS C 97 -7.42 37.69 -17.17
C LYS C 97 -8.33 38.01 -15.97
N ASP C 98 -8.16 39.20 -15.38
CA ASP C 98 -9.01 39.61 -14.26
C ASP C 98 -10.48 39.52 -14.59
N HIS C 99 -10.84 39.43 -15.86
CA HIS C 99 -12.23 39.23 -16.21
C HIS C 99 -12.72 37.80 -15.99
N ILE C 100 -11.82 36.83 -15.90
CA ILE C 100 -12.20 35.49 -15.47
C ILE C 100 -12.16 35.39 -13.96
N GLY C 101 -11.18 36.05 -13.34
CA GLY C 101 -11.03 36.14 -11.92
C GLY C 101 -10.80 34.79 -11.27
N THR C 102 -11.11 34.74 -9.99
CA THR C 102 -11.10 33.50 -9.24
C THR C 102 -12.51 33.19 -8.73
N ARG C 103 -12.66 32.02 -8.15
CA ARG C 103 -13.96 31.44 -7.82
C ARG C 103 -14.35 31.71 -6.36
N ASN C 104 -15.61 32.08 -6.17
CA ASN C 104 -16.20 32.08 -4.84
C ASN C 104 -16.91 30.74 -4.65
N PRO C 105 -16.41 29.85 -3.78
CA PRO C 105 -17.03 28.53 -3.63
C PRO C 105 -18.45 28.56 -3.05
N ALA C 106 -18.91 29.70 -2.53
CA ALA C 106 -20.29 29.72 -2.05
C ALA C 106 -21.26 29.46 -3.19
N ASN C 107 -20.90 29.84 -4.43
CA ASN C 107 -21.85 29.74 -5.52
C ASN C 107 -21.24 29.23 -6.83
N ASN C 108 -20.15 28.47 -6.77
CA ASN C 108 -19.62 27.78 -7.94
C ASN C 108 -18.84 26.59 -7.45
N ALA C 109 -19.12 25.42 -8.01
CA ALA C 109 -18.29 24.26 -7.79
C ALA C 109 -16.99 24.41 -8.57
N ALA C 110 -15.95 23.76 -8.07
CA ALA C 110 -14.71 23.67 -8.82
C ALA C 110 -14.91 22.81 -10.05
N ILE C 111 -14.16 23.15 -11.11
CA ILE C 111 -14.14 22.35 -12.34
C ILE C 111 -13.11 21.24 -12.16
N VAL C 112 -13.50 20.00 -12.42
CA VAL C 112 -12.54 18.90 -12.39
C VAL C 112 -11.41 19.23 -13.34
N LEU C 113 -10.19 19.26 -12.83
CA LEU C 113 -9.04 19.62 -13.64
C LEU C 113 -8.82 18.54 -14.69
N GLN C 114 -8.96 18.89 -15.96
CA GLN C 114 -8.74 18.00 -17.10
C GLN C 114 -7.78 18.66 -18.08
N LEU C 115 -6.95 17.84 -18.72
CA LEU C 115 -5.95 18.33 -19.63
C LEU C 115 -6.16 17.73 -21.02
N PRO C 116 -5.79 18.43 -22.09
CA PRO C 116 -6.16 17.97 -23.44
C PRO C 116 -5.42 16.69 -23.80
N GLN C 117 -5.99 15.95 -24.75
CA GLN C 117 -5.34 14.73 -25.19
C GLN C 117 -3.94 15.03 -25.69
N GLY C 118 -2.98 14.22 -25.26
CA GLY C 118 -1.61 14.41 -25.63
C GLY C 118 -0.77 15.17 -24.63
N THR C 119 -1.30 15.50 -23.46
CA THR C 119 -0.54 16.26 -22.47
C THR C 119 0.34 15.35 -21.63
N THR C 120 1.53 15.85 -21.26
CA THR C 120 2.50 15.09 -20.50
C THR C 120 2.68 15.69 -19.11
N LEU C 121 2.98 14.83 -18.15
CA LEU C 121 3.14 15.21 -16.76
C LEU C 121 4.47 14.70 -16.24
N PRO C 122 5.00 15.30 -15.19
CA PRO C 122 6.12 14.70 -14.47
C PRO C 122 5.71 13.42 -13.76
N LYS C 123 6.61 12.85 -12.98
CA LYS C 123 6.30 11.69 -12.18
C LYS C 123 5.74 12.11 -10.83
N GLY C 124 4.80 11.33 -10.32
CA GLY C 124 4.11 11.67 -9.10
C GLY C 124 2.87 12.50 -9.32
N PHE C 125 2.57 12.87 -10.56
CA PHE C 125 1.37 13.61 -10.95
C PHE C 125 0.49 12.74 -11.82
N TYR C 126 -0.83 12.83 -11.64
CA TYR C 126 -1.75 11.94 -12.33
C TYR C 126 -2.86 12.74 -13.00
N ALA C 127 -3.07 12.47 -14.28
CA ALA C 127 -4.11 13.14 -15.06
C ALA C 127 -5.40 12.32 -15.15
N ASN D 1 18.06 -25.16 8.02
CA ASN D 1 18.30 -25.73 9.35
C ASN D 1 17.48 -25.01 10.44
N THR D 2 17.86 -23.77 10.79
CA THR D 2 17.27 -23.07 11.91
C THR D 2 16.80 -21.67 11.50
N ALA D 3 15.67 -21.23 12.07
CA ALA D 3 15.14 -19.94 11.67
C ALA D 3 14.13 -19.44 12.71
N SER D 4 13.91 -18.14 12.70
CA SER D 4 12.81 -17.56 13.43
C SER D 4 11.51 -18.17 12.93
N TRP D 5 10.56 -18.32 13.84
CA TRP D 5 9.24 -18.78 13.45
C TRP D 5 8.42 -17.72 12.71
N PHE D 6 8.87 -16.47 12.70
CA PHE D 6 8.06 -15.33 12.26
C PHE D 6 8.79 -14.55 11.19
N THR D 7 8.03 -13.77 10.43
CA THR D 7 8.62 -12.84 9.47
C THR D 7 9.26 -11.66 10.20
N ALA D 8 10.24 -11.04 9.55
CA ALA D 8 11.07 -9.98 10.11
C ALA D 8 10.29 -8.67 10.32
N LEU D 9 10.79 -7.84 11.25
CA LEU D 9 10.43 -6.43 11.34
C LEU D 9 11.55 -5.63 10.69
N THR D 10 11.23 -4.89 9.64
CA THR D 10 12.24 -4.12 8.92
C THR D 10 12.34 -2.72 9.52
N GLN D 11 13.57 -2.30 9.85
CA GLN D 11 13.83 -0.99 10.44
C GLN D 11 14.36 -0.07 9.35
N HIS D 12 13.47 0.59 8.63
CA HIS D 12 13.93 1.54 7.61
C HIS D 12 14.18 2.93 8.19
N GLY D 13 13.97 3.13 9.49
CA GLY D 13 14.28 4.35 10.18
C GLY D 13 15.64 4.31 10.85
N LYS D 14 15.77 5.08 11.93
CA LYS D 14 17.09 5.33 12.51
C LYS D 14 17.29 4.78 13.91
N GLU D 15 16.25 4.68 14.74
CA GLU D 15 16.41 4.22 16.11
C GLU D 15 16.13 2.72 16.22
N ASP D 16 16.82 2.08 17.17
CA ASP D 16 16.70 0.64 17.36
C ASP D 16 15.29 0.26 17.82
N LEU D 17 14.99 -1.03 17.69
CA LEU D 17 13.71 -1.53 18.14
C LEU D 17 13.59 -1.41 19.65
N LYS D 18 12.37 -1.16 20.12
CA LYS D 18 12.09 -1.15 21.54
C LYS D 18 10.58 -1.16 21.72
N PHE D 19 10.10 -1.96 22.66
CA PHE D 19 8.70 -2.03 23.03
C PHE D 19 8.53 -1.76 24.51
N PRO D 20 7.51 -1.02 24.90
CA PRO D 20 7.19 -0.88 26.33
C PRO D 20 6.83 -2.21 26.95
N ARG D 21 7.05 -2.30 28.26
CA ARG D 21 6.80 -3.52 29.03
C ARG D 21 5.39 -4.02 28.77
N GLY D 22 5.26 -5.34 28.54
CA GLY D 22 3.98 -5.97 28.25
C GLY D 22 3.63 -6.12 26.78
N GLN D 23 4.39 -5.50 25.87
CA GLN D 23 4.05 -5.42 24.46
C GLN D 23 5.15 -6.03 23.60
N GLY D 24 4.80 -6.37 22.35
CA GLY D 24 5.76 -6.74 21.34
C GLY D 24 5.82 -8.21 20.98
N VAL D 25 5.22 -9.10 21.77
CA VAL D 25 5.29 -10.54 21.52
C VAL D 25 4.39 -10.90 20.33
N PRO D 26 4.91 -11.51 19.26
CA PRO D 26 4.08 -11.80 18.10
C PRO D 26 3.00 -12.82 18.42
N ILE D 27 1.90 -12.73 17.69
CA ILE D 27 0.74 -13.60 17.94
C ILE D 27 0.99 -14.97 17.32
N ASN D 28 0.81 -16.01 18.11
CA ASN D 28 0.90 -17.38 17.63
C ASN D 28 -0.14 -18.17 18.39
N THR D 29 -1.14 -18.65 17.67
CA THR D 29 -2.26 -19.36 18.28
C THR D 29 -1.90 -20.77 18.69
N ASN D 30 -0.71 -21.24 18.31
CA ASN D 30 -0.18 -22.50 18.84
C ASN D 30 0.72 -22.28 20.04
N SER D 31 0.45 -21.25 20.85
CA SER D 31 1.28 -20.96 22.01
C SER D 31 0.39 -20.51 23.17
N SER D 32 0.73 -20.97 24.36
CA SER D 32 0.05 -20.62 25.60
C SER D 32 0.39 -19.21 26.06
N PRO D 33 -0.40 -18.65 26.98
CA PRO D 33 -0.02 -17.35 27.56
C PRO D 33 1.32 -17.39 28.29
N ASP D 34 1.65 -18.52 28.92
CA ASP D 34 2.96 -18.67 29.56
C ASP D 34 4.10 -18.52 28.57
N ASP D 35 3.85 -18.84 27.31
CA ASP D 35 4.91 -18.83 26.31
C ASP D 35 5.26 -17.44 25.82
N GLN D 36 4.55 -16.40 26.26
CA GLN D 36 4.60 -15.11 25.57
C GLN D 36 5.78 -14.29 26.09
N ILE D 37 6.98 -14.72 25.72
CA ILE D 37 8.19 -14.05 26.18
C ILE D 37 9.36 -14.49 25.31
N GLY D 38 10.19 -13.52 24.94
CA GLY D 38 11.31 -13.81 24.09
C GLY D 38 12.04 -12.53 23.77
N TYR D 39 12.79 -12.56 22.67
CA TYR D 39 13.60 -11.43 22.25
C TYR D 39 13.50 -11.24 20.74
N TYR D 40 13.90 -10.05 20.28
CA TYR D 40 14.16 -9.77 18.88
C TYR D 40 15.65 -9.59 18.68
N ARG D 41 16.18 -10.20 17.63
CA ARG D 41 17.58 -10.08 17.27
C ARG D 41 17.74 -9.30 15.98
N ARG D 42 18.49 -8.21 16.04
CA ARG D 42 18.85 -7.44 14.86
C ARG D 42 19.72 -8.29 13.94
N ALA D 43 19.51 -8.14 12.63
CA ALA D 43 20.30 -8.82 11.59
C ALA D 43 20.49 -7.85 10.44
N THR D 44 21.72 -7.38 10.24
CA THR D 44 22.04 -6.43 9.20
C THR D 44 22.59 -7.13 7.96
N ARG D 45 22.34 -6.53 6.82
CA ARG D 45 22.71 -7.11 5.55
C ARG D 45 23.28 -6.03 4.65
N ARG D 46 24.22 -6.43 3.80
CA ARG D 46 24.80 -5.52 2.82
C ARG D 46 24.79 -6.19 1.46
N ILE D 47 24.56 -5.42 0.41
CA ILE D 47 24.63 -5.89 -0.97
C ILE D 47 25.54 -4.94 -1.76
N ARG D 48 25.79 -5.29 -3.03
CA ARG D 48 26.48 -4.39 -3.94
C ARG D 48 25.44 -3.43 -4.50
N GLY D 49 25.58 -2.15 -4.16
CA GLY D 49 24.54 -1.17 -4.40
C GLY D 49 24.62 -0.42 -5.72
N GLY D 50 24.73 -1.17 -6.83
CA GLY D 50 24.64 -0.59 -8.15
C GLY D 50 25.87 0.22 -8.52
N ASP D 51 26.17 1.23 -7.70
CA ASP D 51 27.41 1.97 -7.82
C ASP D 51 28.63 1.08 -7.66
N GLY D 52 28.43 -0.20 -7.33
CA GLY D 52 29.52 -1.11 -7.12
C GLY D 52 30.04 -1.15 -5.71
N LYS D 53 29.55 -0.27 -4.83
CA LYS D 53 30.02 -0.23 -3.45
C LYS D 53 29.04 -0.95 -2.54
N MET D 54 29.55 -1.50 -1.44
CA MET D 54 28.70 -2.16 -0.46
C MET D 54 27.72 -1.18 0.13
N LYS D 55 26.45 -1.58 0.14
CA LYS D 55 25.33 -0.76 0.56
C LYS D 55 24.65 -1.46 1.73
N ASP D 56 24.43 -0.73 2.81
CA ASP D 56 23.67 -1.27 3.92
C ASP D 56 22.18 -1.32 3.55
N LEU D 57 21.55 -2.45 3.81
CA LEU D 57 20.10 -2.50 3.77
C LEU D 57 19.56 -2.13 5.14
N SER D 58 18.26 -1.90 5.20
CA SER D 58 17.65 -1.65 6.48
C SER D 58 17.77 -2.91 7.34
N PRO D 59 18.18 -2.79 8.60
CA PRO D 59 18.25 -3.97 9.47
C PRO D 59 16.89 -4.62 9.62
N ARG D 60 16.90 -5.96 9.71
CA ARG D 60 15.73 -6.74 10.05
C ARG D 60 15.88 -7.34 11.44
N TRP D 61 14.81 -7.30 12.22
CA TRP D 61 14.77 -7.90 13.55
C TRP D 61 13.86 -9.11 13.50
N TYR D 62 14.35 -10.25 14.02
CA TYR D 62 13.60 -11.49 14.09
C TYR D 62 13.28 -11.85 15.53
N PHE D 63 12.11 -12.44 15.74
CA PHE D 63 11.67 -12.80 17.07
C PHE D 63 11.96 -14.26 17.37
N TYR D 64 12.51 -14.50 18.56
CA TYR D 64 12.77 -15.85 19.05
C TYR D 64 12.21 -15.97 20.46
N TYR D 65 11.56 -17.08 20.74
CA TYR D 65 11.03 -17.28 22.08
C TYR D 65 12.18 -17.42 23.08
N LEU D 66 11.89 -17.09 24.34
CA LEU D 66 12.90 -17.19 25.39
C LEU D 66 13.48 -18.60 25.42
N GLY D 67 14.80 -18.67 25.46
CA GLY D 67 15.48 -19.96 25.51
C GLY D 67 15.69 -20.63 24.18
N THR D 68 15.36 -19.99 23.06
CA THR D 68 15.52 -20.58 21.75
C THR D 68 16.31 -19.63 20.87
N GLY D 69 16.78 -20.15 19.74
CA GLY D 69 17.39 -19.32 18.73
C GLY D 69 18.87 -19.07 18.94
N PRO D 70 19.43 -18.15 18.16
CA PRO D 70 20.87 -17.89 18.26
C PRO D 70 21.33 -17.34 19.61
N GLU D 71 20.42 -16.86 20.44
CA GLU D 71 20.75 -16.49 21.82
C GLU D 71 19.93 -17.31 22.80
N ALA D 72 19.74 -18.60 22.47
CA ALA D 72 18.97 -19.51 23.29
C ALA D 72 19.47 -19.56 24.74
N GLY D 73 20.76 -19.35 24.96
CA GLY D 73 21.31 -19.40 26.31
C GLY D 73 21.21 -18.11 27.09
N LEU D 74 20.77 -16.99 26.44
CA LEU D 74 20.70 -15.74 27.17
C LEU D 74 19.50 -15.74 28.11
N PRO D 75 19.67 -15.23 29.33
CA PRO D 75 18.55 -15.06 30.24
C PRO D 75 17.78 -13.80 29.88
N TYR D 76 16.49 -13.80 30.22
CA TYR D 76 15.64 -12.64 29.98
C TYR D 76 16.26 -11.38 30.56
N GLY D 77 16.29 -10.32 29.74
CA GLY D 77 16.79 -9.05 30.22
C GLY D 77 18.29 -8.87 30.11
N ALA D 78 19.04 -9.89 29.68
CA ALA D 78 20.48 -9.73 29.53
C ALA D 78 20.81 -8.64 28.52
N ASN D 79 21.80 -7.82 28.85
CA ASN D 79 22.25 -6.80 27.91
C ASN D 79 23.17 -7.42 26.87
N LYS D 80 22.88 -7.16 25.61
CA LYS D 80 23.73 -7.49 24.47
C LYS D 80 23.30 -6.60 23.31
N ASP D 81 24.25 -6.14 22.50
CA ASP D 81 23.91 -5.27 21.39
C ASP D 81 23.14 -6.05 20.32
N GLY D 82 22.04 -5.46 19.84
CA GLY D 82 21.22 -6.09 18.82
C GLY D 82 20.16 -7.02 19.33
N ILE D 83 20.04 -7.17 20.65
CA ILE D 83 19.02 -8.01 21.28
C ILE D 83 18.17 -7.11 22.14
N ILE D 84 16.85 -7.23 22.00
CA ILE D 84 15.92 -6.51 22.87
C ILE D 84 14.83 -7.49 23.30
N TRP D 85 14.21 -7.22 24.44
CA TRP D 85 13.39 -8.20 25.12
C TRP D 85 11.92 -7.80 25.11
N VAL D 86 11.06 -8.79 25.03
CA VAL D 86 9.62 -8.58 25.02
C VAL D 86 8.98 -9.63 25.91
N ALA D 87 7.95 -9.23 26.66
CA ALA D 87 7.23 -10.21 27.46
C ALA D 87 5.83 -9.70 27.74
N THR D 88 4.84 -10.53 27.46
CA THR D 88 3.49 -10.31 27.98
C THR D 88 3.50 -10.55 29.48
N GLU D 89 2.98 -9.59 30.24
CA GLU D 89 2.85 -9.83 31.67
C GLU D 89 1.99 -11.09 31.87
N GLY D 90 2.41 -11.94 32.79
CA GLY D 90 1.86 -13.26 32.89
C GLY D 90 2.62 -14.31 32.11
N ALA D 91 3.56 -13.91 31.27
CA ALA D 91 4.46 -14.89 30.69
C ALA D 91 5.37 -15.45 31.78
N LEU D 92 5.76 -16.71 31.61
CA LEU D 92 6.60 -17.38 32.58
C LEU D 92 8.04 -17.32 32.11
N ASN D 93 8.96 -17.16 33.06
CA ASN D 93 10.39 -17.03 32.76
C ASN D 93 11.03 -18.42 32.79
N THR D 94 10.73 -19.21 31.76
CA THR D 94 11.27 -20.53 31.52
C THR D 94 11.63 -20.64 30.04
N PRO D 95 12.49 -21.58 29.66
CA PRO D 95 12.91 -21.70 28.24
C PRO D 95 11.84 -22.40 27.41
N LYS D 96 11.56 -21.84 26.25
CA LYS D 96 10.47 -22.36 25.42
C LYS D 96 11.01 -23.39 24.42
N ASP D 97 11.52 -24.49 24.98
CA ASP D 97 12.14 -25.49 24.11
C ASP D 97 11.10 -26.37 23.42
N HIS D 98 9.86 -26.39 23.90
CA HIS D 98 8.84 -27.16 23.22
C HIS D 98 8.41 -26.49 21.92
N ILE D 99 8.84 -25.26 21.69
CA ILE D 99 8.52 -24.52 20.50
C ILE D 99 9.71 -24.45 19.56
N GLY D 100 10.85 -24.03 20.07
CA GLY D 100 12.08 -24.12 19.30
C GLY D 100 12.12 -23.13 18.16
N THR D 101 13.01 -23.42 17.22
CA THR D 101 13.17 -22.66 16.01
C THR D 101 12.46 -23.37 14.86
N ARG D 102 12.44 -22.72 13.71
CA ARG D 102 11.78 -23.21 12.51
C ARG D 102 12.83 -23.74 11.57
N ASN D 103 12.61 -24.95 11.06
CA ASN D 103 13.42 -25.45 9.96
C ASN D 103 12.78 -24.98 8.67
N PRO D 104 13.34 -23.96 8.01
CA PRO D 104 12.61 -23.31 6.91
C PRO D 104 12.35 -24.25 5.74
N ALA D 105 13.04 -25.38 5.68
CA ALA D 105 12.81 -26.33 4.61
C ALA D 105 11.47 -27.05 4.77
N ASN D 106 10.95 -27.14 6.00
CA ASN D 106 9.77 -27.94 6.31
C ASN D 106 8.55 -27.10 6.66
N ASN D 107 8.73 -25.83 7.01
CA ASN D 107 7.63 -25.01 7.49
C ASN D 107 7.84 -23.56 7.09
N ALA D 108 6.76 -22.95 6.59
CA ALA D 108 6.79 -21.54 6.26
C ALA D 108 6.77 -20.69 7.53
N ALA D 109 7.34 -19.49 7.41
CA ALA D 109 7.30 -18.51 8.46
C ALA D 109 5.85 -18.11 8.77
N ILE D 110 5.60 -17.80 10.03
CA ILE D 110 4.34 -17.19 10.44
C ILE D 110 4.43 -15.68 10.20
N VAL D 111 3.39 -15.10 9.62
CA VAL D 111 3.38 -13.65 9.45
C VAL D 111 3.24 -12.97 10.81
N LEU D 112 4.04 -11.92 11.02
CA LEU D 112 4.19 -11.30 12.34
C LEU D 112 3.01 -10.37 12.61
N GLN D 113 2.17 -10.74 13.58
CA GLN D 113 1.04 -9.94 14.04
C GLN D 113 1.30 -9.50 15.47
N LEU D 114 1.32 -8.20 15.70
CA LEU D 114 1.44 -7.78 17.08
C LEU D 114 0.07 -7.61 17.70
N PRO D 115 -0.04 -7.85 19.01
CA PRO D 115 -1.36 -7.86 19.66
C PRO D 115 -2.03 -6.50 19.69
N GLN D 116 -3.25 -6.45 20.22
CA GLN D 116 -3.94 -5.18 20.43
C GLN D 116 -3.07 -4.26 21.27
N GLY D 117 -3.11 -2.97 20.94
CA GLY D 117 -2.42 -2.00 21.78
C GLY D 117 -0.92 -2.12 21.79
N THR D 118 -0.34 -2.89 20.87
CA THR D 118 1.08 -2.85 20.58
C THR D 118 1.25 -2.12 19.26
N THR D 119 2.17 -1.16 19.23
CA THR D 119 2.32 -0.27 18.07
C THR D 119 3.75 -0.27 17.60
N LEU D 120 3.93 -0.42 16.30
CA LEU D 120 5.27 -0.36 15.72
C LEU D 120 5.88 1.00 15.95
N PRO D 121 7.06 1.08 16.52
CA PRO D 121 7.75 2.38 16.63
C PRO D 121 8.11 2.98 15.28
N LYS D 122 8.68 4.18 15.29
CA LYS D 122 8.99 4.90 14.06
C LYS D 122 9.94 4.09 13.19
N GLY D 123 9.65 4.03 11.89
CA GLY D 123 10.54 3.42 10.93
C GLY D 123 10.60 1.91 10.92
N PHE D 124 9.55 1.23 11.39
CA PHE D 124 9.47 -0.22 11.34
C PHE D 124 8.23 -0.66 10.58
N TYR D 125 8.34 -1.77 9.85
CA TYR D 125 7.20 -2.32 9.11
C TYR D 125 7.39 -3.83 8.94
N ALA D 126 6.35 -4.46 8.38
CA ALA D 126 6.34 -5.86 7.88
C ALA D 126 7.69 -6.41 7.46
OP3 U E . -3.04 -11.06 4.49
P U E . -2.97 -11.22 2.90
OP1 U E . -2.05 -10.15 2.48
OP2 U E . -4.32 -11.29 2.27
O5' U E . -2.24 -12.61 2.56
C5' U E . -2.69 -13.83 3.15
C4' U E . -1.87 -15.01 2.67
O4' U E . -1.93 -15.05 1.22
C3' U E . -0.40 -14.98 3.05
O3' U E . 0.05 -16.31 3.27
C2' U E . 0.26 -14.44 1.78
O2' U E . 1.61 -14.79 1.60
C1' U E . -0.62 -15.05 0.70
N1 U E . -0.63 -14.32 -0.58
C2 U E . -0.81 -15.10 -1.69
O2 U E . -0.95 -16.31 -1.62
N3 U E . -0.81 -14.44 -2.89
C4 U E . -0.65 -13.09 -3.06
O4 U E . -0.67 -12.65 -4.22
C5 U E . -0.47 -12.32 -1.85
C6 U E . -0.46 -12.95 -0.67
P PO4 F . -8.65 12.27 -11.48
O1 PO4 F . -7.33 12.49 -10.76
O2 PO4 F . -9.31 11.01 -10.96
O3 PO4 F . -9.58 13.42 -11.17
O4 PO4 F . -8.41 12.09 -12.97
#